data_9RWF
#
_entry.id   9RWF
#
_entity_poly.entity_id   1
_entity_poly.type   'polypeptide(L)'
_entity_poly.pdbx_seq_one_letter_code
;(ACE)QEEVSVIDALLADIRKGFQLRKTAR(NH2)
;
_entity_poly.pdbx_strand_id   A
#
# COMPACT_ATOMS: atom_id res chain seq x y z
N GLN A 2 -14.45 -16.00 5.33
CA GLN A 2 -13.51 -15.15 4.62
C GLN A 2 -14.23 -14.15 3.73
N GLU A 3 -14.93 -13.20 4.37
CA GLU A 3 -15.67 -12.18 3.65
C GLU A 3 -14.74 -11.06 3.18
N GLU A 4 -15.23 -10.25 2.24
CA GLU A 4 -14.44 -9.15 1.71
C GLU A 4 -13.98 -8.21 2.82
N VAL A 5 -12.96 -7.42 2.54
CA VAL A 5 -12.43 -6.48 3.51
C VAL A 5 -12.83 -5.04 3.18
N SER A 6 -12.34 -4.09 3.97
CA SER A 6 -12.65 -2.68 3.75
C SER A 6 -11.48 -1.97 3.08
N VAL A 7 -11.73 -0.74 2.64
CA VAL A 7 -10.70 0.05 1.99
C VAL A 7 -9.54 0.37 2.94
N ILE A 8 -9.89 0.61 4.20
CA ILE A 8 -8.89 0.92 5.21
C ILE A 8 -7.80 -0.14 5.27
N ASP A 9 -8.20 -1.40 5.07
CA ASP A 9 -7.26 -2.51 5.09
C ASP A 9 -6.40 -2.52 3.84
N ALA A 10 -7.05 -2.49 2.68
CA ALA A 10 -6.35 -2.49 1.40
C ALA A 10 -5.35 -1.34 1.32
N LEU A 11 -5.75 -0.18 1.86
CA LEU A 11 -4.90 1.01 1.85
C LEU A 11 -3.55 0.71 2.48
N LEU A 12 -3.56 -0.01 3.59
CA LEU A 12 -2.33 -0.37 4.29
C LEU A 12 -1.36 -1.10 3.37
N ALA A 13 -1.92 -1.94 2.50
CA ALA A 13 -1.11 -2.69 1.55
C ALA A 13 -0.69 -1.83 0.37
N ASP A 14 -1.56 -0.92 -0.04
CA ASP A 14 -1.29 -0.03 -1.16
C ASP A 14 0.02 0.71 -0.94
N ILE A 15 0.08 1.50 0.13
CA ILE A 15 1.27 2.27 0.46
C ILE A 15 2.51 1.38 0.52
N ARG A 16 2.34 0.18 1.07
CA ARG A 16 3.44 -0.77 1.19
C ARG A 16 4.12 -0.97 -0.16
N LYS A 17 3.33 -0.96 -1.23
CA LYS A 17 3.85 -1.15 -2.58
C LYS A 17 4.69 0.06 -3.01
N GLY A 18 4.26 1.25 -2.58
CA GLY A 18 4.97 2.45 -2.93
C GLY A 18 6.31 2.57 -2.22
N PHE A 19 6.37 2.06 -1.00
CA PHE A 19 7.60 2.10 -0.21
C PHE A 19 8.76 1.50 -0.98
N GLN A 20 8.48 0.45 -1.75
CA GLN A 20 9.50 -0.21 -2.55
C GLN A 20 10.28 0.79 -3.39
N LEU A 21 9.57 1.61 -4.14
CA LEU A 21 10.20 2.62 -4.99
C LEU A 21 9.97 4.01 -4.43
N ARG A 22 10.05 4.15 -3.11
CA ARG A 22 9.84 5.43 -2.46
C ARG A 22 10.99 6.38 -2.78
N LYS A 23 12.20 5.84 -2.87
CA LYS A 23 13.38 6.65 -3.18
C LYS A 23 13.30 7.21 -4.60
N THR A 24 13.39 8.53 -4.72
CA THR A 24 13.34 9.18 -6.02
C THR A 24 14.65 9.91 -6.32
N ALA A 25 15.76 9.24 -6.04
CA ALA A 25 17.08 9.82 -6.29
C ALA A 25 17.36 9.92 -7.79
N ARG A 26 18.26 10.82 -8.15
CA ARG A 26 18.62 11.01 -9.56
C ARG A 26 19.93 11.79 -9.68
N GLN A 2 -11.10 -16.95 5.18
CA GLN A 2 -11.12 -16.00 4.08
C GLN A 2 -12.24 -14.98 4.26
N GLU A 3 -12.02 -13.99 5.12
CA GLU A 3 -13.02 -12.97 5.39
C GLU A 3 -12.94 -11.86 4.34
N GLU A 4 -13.98 -11.03 4.28
CA GLU A 4 -14.03 -9.93 3.33
C GLU A 4 -13.07 -8.81 3.74
N VAL A 5 -12.73 -7.95 2.78
CA VAL A 5 -11.83 -6.83 3.05
C VAL A 5 -12.56 -5.50 2.93
N SER A 6 -12.31 -4.60 3.88
CA SER A 6 -12.94 -3.29 3.88
C SER A 6 -12.11 -2.29 3.08
N VAL A 7 -12.64 -1.07 2.95
CA VAL A 7 -11.94 -0.03 2.21
C VAL A 7 -10.77 0.52 3.00
N ILE A 8 -10.93 0.60 4.31
CA ILE A 8 -9.87 1.11 5.19
C ILE A 8 -8.62 0.25 5.09
N ASP A 9 -8.81 -1.06 4.93
CA ASP A 9 -7.70 -1.99 4.81
C ASP A 9 -7.02 -1.86 3.45
N ALA A 10 -7.83 -1.68 2.40
CA ALA A 10 -7.30 -1.54 1.05
C ALA A 10 -6.42 -0.31 0.93
N LEU A 11 -6.86 0.80 1.51
CA LEU A 11 -6.11 2.04 1.46
C LEU A 11 -4.69 1.85 2.02
N LEU A 12 -4.61 1.25 3.20
CA LEU A 12 -3.31 1.00 3.84
C LEU A 12 -2.42 0.16 2.93
N ALA A 13 -3.00 -0.84 2.28
CA ALA A 13 -2.26 -1.70 1.38
C ALA A 13 -1.81 -0.95 0.13
N ASP A 14 -2.67 -0.05 -0.36
CA ASP A 14 -2.37 0.73 -1.54
C ASP A 14 -1.05 1.48 -1.39
N ILE A 15 -0.99 2.38 -0.41
CA ILE A 15 0.21 3.16 -0.16
C ILE A 15 1.41 2.25 0.04
N ARG A 16 1.21 1.14 0.74
CA ARG A 16 2.28 0.18 0.99
C ARG A 16 2.98 -0.22 -0.30
N LYS A 17 2.21 -0.32 -1.38
CA LYS A 17 2.75 -0.68 -2.69
C LYS A 17 3.63 0.42 -3.24
N GLY A 18 3.24 1.67 -2.98
CA GLY A 18 4.00 2.81 -3.46
C GLY A 18 5.32 2.96 -2.74
N PHE A 19 5.33 2.65 -1.45
CA PHE A 19 6.55 2.75 -0.64
C PHE A 19 7.71 2.03 -1.30
N GLN A 20 7.41 0.91 -1.95
CA GLN A 20 8.43 0.12 -2.63
C GLN A 20 9.26 0.99 -3.56
N LEU A 21 8.62 1.97 -4.20
CA LEU A 21 9.29 2.87 -5.12
C LEU A 21 9.44 4.26 -4.51
N ARG A 22 10.01 4.32 -3.31
CA ARG A 22 10.20 5.59 -2.61
C ARG A 22 11.62 6.11 -2.85
N LYS A 23 12.58 5.20 -2.91
CA LYS A 23 13.97 5.57 -3.12
C LYS A 23 14.15 6.27 -4.46
N THR A 24 14.92 7.37 -4.46
CA THR A 24 15.17 8.13 -5.67
C THR A 24 16.54 8.79 -5.63
N ALA A 25 17.29 8.65 -6.72
CA ALA A 25 18.61 9.24 -6.81
C ALA A 25 18.83 9.91 -8.17
N ARG A 26 18.98 11.24 -8.15
CA ARG A 26 19.19 12.00 -9.38
C ARG A 26 20.36 11.44 -10.17
N GLN A 2 -8.64 -14.88 -0.98
CA GLN A 2 -10.07 -15.14 -1.09
C GLN A 2 -10.87 -14.29 -0.11
N GLU A 3 -10.37 -14.22 1.12
CA GLU A 3 -11.04 -13.44 2.16
C GLU A 3 -10.81 -11.95 1.95
N GLU A 4 -11.90 -11.18 2.01
CA GLU A 4 -11.82 -9.74 1.83
C GLU A 4 -11.45 -9.03 3.13
N VAL A 5 -10.78 -7.89 3.01
CA VAL A 5 -10.37 -7.13 4.18
C VAL A 5 -11.18 -5.85 4.31
N SER A 6 -10.85 -5.03 5.31
CA SER A 6 -11.55 -3.78 5.55
C SER A 6 -10.95 -2.66 4.71
N VAL A 7 -11.55 -1.47 4.80
CA VAL A 7 -11.07 -0.31 4.05
C VAL A 7 -9.84 0.29 4.70
N ILE A 8 -9.81 0.27 6.04
CA ILE A 8 -8.68 0.82 6.78
C ILE A 8 -7.41 0.03 6.51
N ASP A 9 -7.55 -1.28 6.35
CA ASP A 9 -6.41 -2.14 6.08
C ASP A 9 -6.06 -2.13 4.60
N ALA A 10 -7.07 -2.28 3.75
CA ALA A 10 -6.87 -2.28 2.30
C ALA A 10 -6.07 -1.06 1.85
N LEU A 11 -6.41 0.10 2.41
CA LEU A 11 -5.71 1.34 2.07
C LEU A 11 -4.30 1.35 2.64
N LEU A 12 -4.15 0.79 3.83
CA LEU A 12 -2.85 0.74 4.50
C LEU A 12 -1.82 0.06 3.60
N ALA A 13 -2.26 -0.95 2.85
CA ALA A 13 -1.37 -1.68 1.95
C ALA A 13 -1.21 -0.95 0.62
N ASP A 14 -2.29 -0.32 0.17
CA ASP A 14 -2.27 0.41 -1.08
C ASP A 14 -1.23 1.52 -1.05
N ILE A 15 -1.27 2.34 -0.02
CA ILE A 15 -0.32 3.44 0.13
C ILE A 15 1.12 2.94 0.08
N ARG A 16 1.36 1.79 0.70
CA ARG A 16 2.70 1.20 0.71
C ARG A 16 3.24 1.04 -0.71
N LYS A 17 2.35 0.71 -1.64
CA LYS A 17 2.73 0.52 -3.03
C LYS A 17 3.21 1.84 -3.64
N GLY A 18 2.58 2.94 -3.23
CA GLY A 18 2.94 4.24 -3.75
C GLY A 18 4.24 4.74 -3.17
N PHE A 19 4.52 4.38 -1.91
CA PHE A 19 5.74 4.81 -1.25
C PHE A 19 6.97 4.53 -2.11
N GLN A 20 6.89 3.45 -2.89
CA GLN A 20 8.00 3.07 -3.77
C GLN A 20 8.45 4.25 -4.63
N LEU A 21 7.49 5.09 -5.00
CA LEU A 21 7.78 6.26 -5.83
C LEU A 21 8.68 7.24 -5.09
N ARG A 22 8.50 7.34 -3.78
CA ARG A 22 9.30 8.24 -2.96
C ARG A 22 10.75 7.77 -2.90
N LYS A 23 10.97 6.62 -2.29
CA LYS A 23 12.32 6.06 -2.18
C LYS A 23 12.98 5.93 -3.56
N THR A 24 14.20 6.44 -3.67
CA THR A 24 14.93 6.39 -4.93
C THR A 24 15.36 4.96 -5.24
N ALA A 25 15.07 4.50 -6.45
CA ALA A 25 15.43 3.16 -6.87
C ALA A 25 16.13 3.17 -8.23
N ARG A 26 17.42 3.49 -8.22
CA ARG A 26 18.19 3.55 -9.45
C ARG A 26 18.06 2.25 -10.24
N GLN A 2 -6.73 -12.76 -1.18
CA GLN A 2 -7.81 -13.53 -1.75
C GLN A 2 -9.12 -13.30 -1.00
N GLU A 3 -9.02 -13.24 0.32
CA GLU A 3 -10.20 -13.02 1.16
C GLU A 3 -10.55 -11.53 1.23
N GLU A 4 -11.84 -11.24 1.42
CA GLU A 4 -12.29 -9.86 1.51
C GLU A 4 -11.75 -9.18 2.75
N VAL A 5 -11.26 -7.95 2.58
CA VAL A 5 -10.71 -7.19 3.69
C VAL A 5 -11.58 -5.98 4.02
N SER A 6 -11.14 -5.17 4.98
CA SER A 6 -11.87 -3.98 5.38
C SER A 6 -11.24 -2.72 4.81
N VAL A 7 -11.90 -1.59 4.98
CA VAL A 7 -11.40 -0.32 4.48
C VAL A 7 -10.01 -0.01 5.03
N ILE A 8 -9.78 -0.40 6.29
CA ILE A 8 -8.50 -0.18 6.93
C ILE A 8 -7.36 -0.72 6.08
N ASP A 9 -7.60 -1.85 5.43
CA ASP A 9 -6.59 -2.48 4.58
C ASP A 9 -6.51 -1.78 3.22
N ALA A 10 -7.67 -1.41 2.69
CA ALA A 10 -7.74 -0.74 1.40
C ALA A 10 -6.82 0.49 1.37
N LEU A 11 -6.88 1.29 2.43
CA LEU A 11 -6.05 2.49 2.52
C LEU A 11 -4.59 2.12 2.81
N LEU A 12 -4.40 1.09 3.61
CA LEU A 12 -3.06 0.64 3.96
C LEU A 12 -2.21 0.41 2.71
N ALA A 13 -2.85 -0.10 1.65
CA ALA A 13 -2.16 -0.36 0.40
C ALA A 13 -2.01 0.93 -0.41
N ASP A 14 -3.01 1.80 -0.35
CA ASP A 14 -2.98 3.05 -1.08
C ASP A 14 -1.71 3.83 -0.77
N ILE A 15 -1.30 3.80 0.50
CA ILE A 15 -0.09 4.51 0.92
C ILE A 15 1.13 3.61 0.82
N ARG A 16 0.94 2.32 1.03
CA ARG A 16 2.03 1.36 0.96
C ARG A 16 2.77 1.47 -0.36
N LYS A 17 2.03 1.76 -1.43
CA LYS A 17 2.62 1.90 -2.75
C LYS A 17 3.48 3.16 -2.84
N GLY A 18 3.04 4.21 -2.14
CA GLY A 18 3.78 5.46 -2.14
C GLY A 18 5.13 5.35 -1.45
N PHE A 19 5.18 4.52 -0.41
CA PHE A 19 6.41 4.33 0.35
C PHE A 19 7.42 3.51 -0.45
N GLN A 20 6.98 2.34 -0.92
CA GLN A 20 7.85 1.46 -1.69
C GLN A 20 8.49 2.21 -2.85
N LEU A 21 7.75 3.14 -3.43
CA LEU A 21 8.25 3.93 -4.55
C LEU A 21 8.52 5.37 -4.12
N ARG A 22 9.00 5.53 -2.89
CA ARG A 22 9.31 6.85 -2.36
C ARG A 22 10.73 7.26 -2.71
N LYS A 23 11.70 6.47 -2.25
CA LYS A 23 13.11 6.76 -2.53
C LYS A 23 13.41 6.63 -4.01
N THR A 24 14.61 7.05 -4.41
CA THR A 24 15.02 6.98 -5.81
C THR A 24 15.24 5.54 -6.25
N ALA A 25 14.96 5.27 -7.52
CA ALA A 25 15.12 3.92 -8.06
C ALA A 25 16.60 3.61 -8.30
N ARG A 26 16.92 2.31 -8.37
CA ARG A 26 18.29 1.87 -8.59
C ARG A 26 19.20 2.35 -7.45
N GLN A 2 -10.42 -16.47 -0.88
CA GLN A 2 -9.98 -15.28 -0.18
C GLN A 2 -11.12 -14.65 0.61
N GLU A 3 -10.87 -14.33 1.87
CA GLU A 3 -11.89 -13.73 2.73
C GLU A 3 -11.97 -12.22 2.50
N GLU A 4 -13.06 -11.63 2.95
CA GLU A 4 -13.27 -10.19 2.80
C GLU A 4 -12.49 -9.41 3.86
N VAL A 5 -11.79 -8.37 3.42
CA VAL A 5 -11.00 -7.55 4.34
C VAL A 5 -11.58 -6.14 4.43
N SER A 6 -11.63 -5.61 5.65
CA SER A 6 -12.16 -4.28 5.89
C SER A 6 -11.48 -3.25 4.97
N VAL A 7 -12.29 -2.52 4.22
CA VAL A 7 -11.77 -1.50 3.31
C VAL A 7 -10.80 -0.56 4.02
N ILE A 8 -11.11 -0.26 5.28
CA ILE A 8 -10.27 0.62 6.08
C ILE A 8 -8.85 0.08 6.20
N ASP A 9 -8.74 -1.25 6.29
CA ASP A 9 -7.44 -1.90 6.42
C ASP A 9 -6.71 -1.91 5.08
N ALA A 10 -7.41 -2.29 4.03
CA ALA A 10 -6.82 -2.33 2.69
C ALA A 10 -6.14 -1.02 2.34
N LEU A 11 -6.69 0.08 2.85
CA LEU A 11 -6.13 1.40 2.60
C LEU A 11 -4.64 1.43 2.90
N LEU A 12 -4.26 0.88 4.05
CA LEU A 12 -2.86 0.84 4.46
C LEU A 12 -1.99 0.26 3.35
N ALA A 13 -2.54 -0.70 2.62
CA ALA A 13 -1.80 -1.33 1.53
C ALA A 13 -1.69 -0.40 0.33
N ASP A 14 -2.73 0.39 0.09
CA ASP A 14 -2.74 1.33 -1.02
C ASP A 14 -1.52 2.26 -0.96
N ILE A 15 -1.46 3.06 0.10
CA ILE A 15 -0.36 3.99 0.29
C ILE A 15 0.98 3.28 0.19
N ARG A 16 1.07 2.09 0.76
CA ARG A 16 2.30 1.31 0.73
C ARG A 16 2.78 1.09 -0.69
N LYS A 17 1.82 0.93 -1.62
CA LYS A 17 2.15 0.72 -3.02
C LYS A 17 2.96 1.90 -3.58
N GLY A 18 2.67 3.10 -3.08
CA GLY A 18 3.38 4.28 -3.54
C GLY A 18 4.70 4.47 -2.82
N PHE A 19 4.77 4.02 -1.58
CA PHE A 19 5.98 4.15 -0.79
C PHE A 19 7.19 3.62 -1.55
N GLN A 20 6.98 2.56 -2.33
CA GLN A 20 8.05 1.96 -3.11
C GLN A 20 8.77 3.01 -3.95
N LEU A 21 8.03 4.02 -4.39
CA LEU A 21 8.59 5.09 -5.20
C LEU A 21 8.80 6.35 -4.37
N ARG A 22 9.21 6.16 -3.12
CA ARG A 22 9.46 7.28 -2.22
C ARG A 22 10.82 7.91 -2.48
N LYS A 23 11.88 7.18 -2.13
CA LYS A 23 13.24 7.66 -2.32
C LYS A 23 13.55 7.81 -3.81
N THR A 24 14.68 8.45 -4.11
CA THR A 24 15.10 8.65 -5.49
C THR A 24 15.32 7.33 -6.21
N ALA A 25 15.38 7.37 -7.53
CA ALA A 25 15.59 6.17 -8.33
C ALA A 25 17.00 5.60 -8.11
N ARG A 26 17.07 4.44 -7.48
CA ARG A 26 18.35 3.80 -7.20
C ARG A 26 19.22 4.68 -6.32
N GLN A 2 -8.93 -16.22 4.75
CA GLN A 2 -8.81 -14.87 4.19
C GLN A 2 -9.62 -13.86 5.00
N GLU A 3 -8.95 -13.19 5.92
CA GLU A 3 -9.61 -12.19 6.77
C GLU A 3 -10.10 -11.01 5.94
N GLU A 4 -11.35 -10.62 6.16
CA GLU A 4 -11.93 -9.50 5.43
C GLU A 4 -11.10 -8.23 5.62
N VAL A 5 -10.84 -7.54 4.52
CA VAL A 5 -10.06 -6.31 4.55
C VAL A 5 -10.94 -5.10 4.27
N SER A 6 -10.78 -4.06 5.10
CA SER A 6 -11.56 -2.84 4.95
C SER A 6 -10.80 -1.82 4.12
N VAL A 7 -11.44 -0.67 3.86
CA VAL A 7 -10.83 0.39 3.08
C VAL A 7 -9.47 0.79 3.66
N ILE A 8 -9.37 0.76 4.98
CA ILE A 8 -8.13 1.11 5.65
C ILE A 8 -6.99 0.20 5.21
N ASP A 9 -7.31 -1.06 4.97
CA ASP A 9 -6.31 -2.04 4.55
C ASP A 9 -6.02 -1.90 3.06
N ALA A 10 -7.07 -1.70 2.27
CA ALA A 10 -6.92 -1.56 0.82
C ALA A 10 -5.97 -0.41 0.48
N LEU A 11 -6.16 0.72 1.16
CA LEU A 11 -5.31 1.90 0.93
C LEU A 11 -3.85 1.57 1.21
N LEU A 12 -3.61 0.88 2.32
CA LEU A 12 -2.24 0.51 2.70
C LEU A 12 -1.56 -0.26 1.58
N ALA A 13 -2.31 -1.15 0.93
CA ALA A 13 -1.77 -1.96 -0.16
C ALA A 13 -1.65 -1.13 -1.44
N ASP A 14 -2.69 -0.35 -1.74
CA ASP A 14 -2.70 0.48 -2.93
C ASP A 14 -1.47 1.39 -2.97
N ILE A 15 -1.36 2.26 -1.98
CA ILE A 15 -0.23 3.19 -1.91
C ILE A 15 1.11 2.44 -2.01
N ARG A 16 1.13 1.21 -1.48
CA ARG A 16 2.34 0.40 -1.51
C ARG A 16 2.90 0.32 -2.93
N LYS A 17 2.01 0.26 -3.91
CA LYS A 17 2.42 0.17 -5.31
C LYS A 17 3.24 1.40 -5.70
N GLY A 18 2.89 2.55 -5.15
CA GLY A 18 3.61 3.78 -5.45
C GLY A 18 4.92 3.88 -4.70
N PHE A 19 4.97 3.29 -3.51
CA PHE A 19 6.17 3.33 -2.68
C PHE A 19 7.39 2.90 -3.48
N GLN A 20 7.19 1.93 -4.38
CA GLN A 20 8.28 1.43 -5.21
C GLN A 20 9.01 2.58 -5.90
N LEU A 21 8.26 3.45 -6.56
CA LEU A 21 8.85 4.59 -7.26
C LEU A 21 8.53 5.89 -6.53
N ARG A 22 8.51 5.84 -5.20
CA ARG A 22 8.23 7.01 -4.39
C ARG A 22 9.53 7.65 -3.88
N LYS A 23 10.38 6.82 -3.30
CA LYS A 23 11.65 7.29 -2.76
C LYS A 23 12.78 7.10 -3.78
N THR A 24 13.93 7.69 -3.50
CA THR A 24 15.09 7.58 -4.38
C THR A 24 16.18 6.72 -3.77
N ALA A 25 16.35 6.83 -2.44
CA ALA A 25 17.36 6.06 -1.73
C ALA A 25 16.71 5.05 -0.80
N ARG A 26 17.07 3.78 -0.97
CA ARG A 26 16.53 2.72 -0.14
C ARG A 26 17.58 2.19 0.84
N GLN A 2 -10.84 -16.12 1.72
CA GLN A 2 -10.48 -14.76 2.10
C GLN A 2 -11.67 -14.05 2.75
N GLU A 3 -11.46 -13.58 3.98
CA GLU A 3 -12.52 -12.88 4.70
C GLU A 3 -12.61 -11.42 4.28
N GLU A 4 -13.76 -10.81 4.49
CA GLU A 4 -13.98 -9.41 4.13
C GLU A 4 -13.11 -8.49 4.99
N VAL A 5 -12.46 -7.53 4.33
CA VAL A 5 -11.60 -6.58 5.05
C VAL A 5 -12.19 -5.18 5.00
N SER A 6 -11.50 -4.23 5.61
CA SER A 6 -11.94 -2.84 5.64
C SER A 6 -11.15 -1.99 4.65
N VAL A 7 -11.63 -0.77 4.42
CA VAL A 7 -10.97 0.15 3.50
C VAL A 7 -9.60 0.56 4.02
N ILE A 8 -9.50 0.72 5.34
CA ILE A 8 -8.24 1.11 5.97
C ILE A 8 -7.13 0.14 5.62
N ASP A 9 -7.47 -1.14 5.53
CA ASP A 9 -6.49 -2.18 5.21
C ASP A 9 -6.18 -2.17 3.71
N ALA A 10 -7.22 -2.06 2.89
CA ALA A 10 -7.05 -2.05 1.44
C ALA A 10 -6.07 -0.97 1.02
N LEU A 11 -6.15 0.19 1.67
CA LEU A 11 -5.28 1.31 1.35
C LEU A 11 -3.84 1.02 1.79
N LEU A 12 -3.70 0.39 2.95
CA LEU A 12 -2.39 0.05 3.48
C LEU A 12 -1.57 -0.75 2.46
N ALA A 13 -2.26 -1.64 1.75
CA ALA A 13 -1.60 -2.47 0.74
C ALA A 13 -1.54 -1.74 -0.60
N ASP A 14 -2.61 -1.02 -0.92
CA ASP A 14 -2.69 -0.28 -2.18
C ASP A 14 -1.49 0.66 -2.32
N ILE A 15 -1.22 1.43 -1.27
CA ILE A 15 -0.12 2.37 -1.28
C ILE A 15 1.23 1.65 -1.27
N ARG A 16 1.27 0.48 -0.61
CA ARG A 16 2.49 -0.30 -0.53
C ARG A 16 3.09 -0.52 -1.91
N LYS A 17 2.23 -0.69 -2.90
CA LYS A 17 2.68 -0.92 -4.28
C LYS A 17 3.49 0.27 -4.78
N GLY A 18 3.10 1.47 -4.36
CA GLY A 18 3.80 2.67 -4.77
C GLY A 18 5.08 2.90 -3.99
N PHE A 19 5.08 2.44 -2.74
CA PHE A 19 6.26 2.60 -1.89
C PHE A 19 7.53 2.12 -2.60
N GLN A 20 7.39 1.09 -3.41
CA GLN A 20 8.52 0.54 -4.14
C GLN A 20 9.25 1.64 -4.91
N LEU A 21 8.50 2.42 -5.67
CA LEU A 21 9.08 3.51 -6.46
C LEU A 21 8.70 4.86 -5.87
N ARG A 22 8.62 4.93 -4.55
CA ARG A 22 8.27 6.17 -3.86
C ARG A 22 9.51 6.88 -3.36
N LYS A 23 10.41 6.12 -2.72
CA LYS A 23 11.64 6.68 -2.18
C LYS A 23 12.67 6.89 -3.29
N THR A 24 12.95 8.16 -3.59
CA THR A 24 13.90 8.50 -4.63
C THR A 24 15.24 7.79 -4.40
N ALA A 25 15.73 7.13 -5.45
CA ALA A 25 17.00 6.40 -5.36
C ALA A 25 17.86 6.68 -6.58
N ARG A 26 19.17 6.76 -6.37
CA ARG A 26 20.12 7.02 -7.45
C ARG A 26 20.78 5.73 -7.91
N GLN A 2 -12.28 -15.91 3.46
CA GLN A 2 -13.74 -15.84 3.32
C GLN A 2 -14.24 -14.43 3.63
N GLU A 3 -13.82 -13.90 4.77
CA GLU A 3 -14.24 -12.56 5.19
C GLU A 3 -13.41 -11.50 4.47
N GLU A 4 -14.10 -10.53 3.87
CA GLU A 4 -13.43 -9.45 3.16
C GLU A 4 -12.65 -8.56 4.12
N VAL A 5 -11.65 -7.88 3.59
CA VAL A 5 -10.81 -6.99 4.40
C VAL A 5 -11.39 -5.58 4.44
N SER A 6 -10.65 -4.66 5.05
CA SER A 6 -11.08 -3.27 5.16
C SER A 6 -10.34 -2.39 4.17
N VAL A 7 -10.82 -1.15 4.02
CA VAL A 7 -10.20 -0.21 3.10
C VAL A 7 -8.90 0.35 3.67
N ILE A 8 -8.87 0.53 4.99
CA ILE A 8 -7.68 1.05 5.66
C ILE A 8 -6.47 0.16 5.40
N ASP A 9 -6.71 -1.14 5.31
CA ASP A 9 -5.63 -2.09 5.05
C ASP A 9 -5.24 -2.09 3.58
N ALA A 10 -6.24 -2.04 2.71
CA ALA A 10 -5.99 -2.02 1.27
C ALA A 10 -5.05 -0.88 0.88
N LEU A 11 -5.25 0.28 1.50
CA LEU A 11 -4.43 1.44 1.22
C LEU A 11 -2.98 1.20 1.65
N LEU A 12 -2.81 0.51 2.78
CA LEU A 12 -1.49 0.22 3.30
C LEU A 12 -0.62 -0.46 2.25
N ALA A 13 -1.22 -1.37 1.49
CA ALA A 13 -0.51 -2.09 0.44
C ALA A 13 -0.52 -1.30 -0.86
N ASP A 14 -1.63 -0.62 -1.13
CA ASP A 14 -1.76 0.17 -2.36
C ASP A 14 -0.65 1.21 -2.45
N ILE A 15 -0.36 1.87 -1.34
CA ILE A 15 0.69 2.89 -1.30
C ILE A 15 2.08 2.25 -1.29
N ARG A 16 2.17 1.07 -0.67
CA ARG A 16 3.44 0.36 -0.59
C ARG A 16 4.07 0.22 -1.97
N LYS A 17 3.23 0.03 -2.99
CA LYS A 17 3.71 -0.11 -4.35
C LYS A 17 4.46 1.14 -4.81
N GLY A 18 4.00 2.30 -4.35
CA GLY A 18 4.63 3.55 -4.72
C GLY A 18 5.88 3.82 -3.90
N PHE A 19 5.90 3.33 -2.67
CA PHE A 19 7.04 3.53 -1.78
C PHE A 19 8.34 3.17 -2.48
N GLN A 20 8.29 2.15 -3.33
CA GLN A 20 9.47 1.70 -4.06
C GLN A 20 10.14 2.87 -4.78
N LEU A 21 9.34 3.61 -5.54
CA LEU A 21 9.86 4.76 -6.28
C LEU A 21 9.37 6.07 -5.67
N ARG A 22 9.39 6.14 -4.34
CA ARG A 22 8.95 7.33 -3.64
C ARG A 22 10.14 8.06 -3.01
N LYS A 23 10.85 7.38 -2.11
CA LYS A 23 12.00 7.95 -1.45
C LYS A 23 13.04 8.42 -2.46
N THR A 24 14.01 9.21 -2.00
CA THR A 24 15.06 9.72 -2.86
C THR A 24 16.01 8.60 -3.29
N ALA A 25 16.46 7.81 -2.32
CA ALA A 25 17.37 6.70 -2.60
C ALA A 25 16.60 5.41 -2.85
N ARG A 26 16.61 4.95 -4.10
CA ARG A 26 15.90 3.73 -4.47
C ARG A 26 16.32 2.57 -3.56
N GLN A 2 -14.30 -13.77 5.21
CA GLN A 2 -15.71 -13.77 4.82
C GLN A 2 -16.32 -12.39 4.96
N GLU A 3 -15.93 -11.67 6.01
CA GLU A 3 -16.44 -10.34 6.26
C GLU A 3 -15.67 -9.30 5.43
N GLU A 4 -16.21 -8.08 5.38
CA GLU A 4 -15.58 -7.01 4.61
C GLU A 4 -14.45 -6.37 5.42
N VAL A 5 -13.39 -5.99 4.72
CA VAL A 5 -12.23 -5.37 5.36
C VAL A 5 -12.18 -3.88 5.06
N SER A 6 -11.15 -3.22 5.58
CA SER A 6 -10.97 -1.79 5.37
C SER A 6 -10.17 -1.50 4.11
N VAL A 7 -10.75 -0.73 3.20
CA VAL A 7 -10.07 -0.39 1.96
C VAL A 7 -8.68 0.16 2.21
N ILE A 8 -8.53 0.91 3.29
CA ILE A 8 -7.24 1.50 3.66
C ILE A 8 -6.17 0.42 3.75
N ASP A 9 -6.54 -0.74 4.26
CA ASP A 9 -5.60 -1.85 4.41
C ASP A 9 -5.27 -2.47 3.05
N ALA A 10 -6.28 -2.55 2.19
CA ALA A 10 -6.11 -3.12 0.86
C ALA A 10 -5.03 -2.37 0.08
N LEU A 11 -4.96 -1.06 0.29
CA LEU A 11 -3.98 -0.23 -0.39
C LEU A 11 -2.68 -0.14 0.41
N LEU A 12 -2.82 -0.11 1.73
CA LEU A 12 -1.66 -0.04 2.62
C LEU A 12 -0.64 -1.12 2.28
N ALA A 13 -1.14 -2.30 1.91
CA ALA A 13 -0.27 -3.42 1.56
C ALA A 13 0.11 -3.37 0.08
N ASP A 14 -0.86 -3.03 -0.77
CA ASP A 14 -0.63 -2.95 -2.20
C ASP A 14 0.51 -1.98 -2.51
N ILE A 15 0.46 -0.80 -1.90
CA ILE A 15 1.48 0.22 -2.11
C ILE A 15 2.86 -0.29 -1.69
N ARG A 16 2.88 -1.14 -0.67
CA ARG A 16 4.14 -1.70 -0.18
C ARG A 16 4.95 -2.30 -1.32
N LYS A 17 4.27 -2.91 -2.28
CA LYS A 17 4.93 -3.52 -3.42
C LYS A 17 5.71 -2.48 -4.21
N GLY A 18 5.18 -1.26 -4.28
CA GLY A 18 5.84 -0.20 -5.01
C GLY A 18 6.97 0.44 -4.21
N PHE A 19 6.82 0.43 -2.89
CA PHE A 19 7.83 1.01 -2.01
C PHE A 19 9.22 0.49 -2.36
N GLN A 20 9.29 -0.77 -2.77
CA GLN A 20 10.56 -1.39 -3.13
C GLN A 20 11.31 -0.53 -4.14
N LEU A 21 10.64 -0.16 -5.22
CA LEU A 21 11.24 0.67 -6.26
C LEU A 21 10.67 2.08 -6.23
N ARG A 22 10.39 2.58 -5.03
CA ARG A 22 9.84 3.92 -4.88
C ARG A 22 10.94 4.91 -4.52
N LYS A 23 10.81 6.14 -5.02
CA LYS A 23 11.79 7.19 -4.75
C LYS A 23 11.30 8.12 -3.65
N THR A 24 12.19 8.46 -2.72
CA THR A 24 11.85 9.34 -1.62
C THR A 24 11.63 10.77 -2.11
N ALA A 25 11.03 11.60 -1.26
CA ALA A 25 10.75 12.98 -1.61
C ALA A 25 11.80 13.91 -1.00
N ARG A 26 12.15 14.96 -1.74
CA ARG A 26 13.14 15.91 -1.27
C ARG A 26 12.54 17.32 -1.15
N GLN A 2 -10.97 -13.38 3.97
CA GLN A 2 -11.76 -13.75 5.12
C GLN A 2 -12.12 -12.51 5.95
N GLU A 3 -11.10 -11.79 6.40
CA GLU A 3 -11.29 -10.59 7.20
C GLU A 3 -11.75 -9.43 6.33
N GLU A 4 -12.77 -8.71 6.80
CA GLU A 4 -13.31 -7.58 6.07
C GLU A 4 -12.27 -6.48 5.93
N VAL A 5 -11.97 -6.09 4.69
CA VAL A 5 -10.98 -5.06 4.42
C VAL A 5 -11.65 -3.80 3.88
N SER A 6 -11.27 -2.65 4.44
CA SER A 6 -11.84 -1.38 4.02
C SER A 6 -10.93 -0.68 3.02
N VAL A 7 -11.40 0.43 2.46
CA VAL A 7 -10.63 1.19 1.49
C VAL A 7 -9.34 1.71 2.09
N ILE A 8 -9.40 2.09 3.36
CA ILE A 8 -8.23 2.60 4.07
C ILE A 8 -7.14 1.53 4.20
N ASP A 9 -7.58 0.28 4.38
CA ASP A 9 -6.65 -0.84 4.52
C ASP A 9 -6.20 -1.33 3.15
N ALA A 10 -7.11 -1.32 2.18
CA ALA A 10 -6.80 -1.77 0.83
C ALA A 10 -5.70 -0.91 0.21
N LEU A 11 -5.77 0.39 0.44
CA LEU A 11 -4.78 1.31 -0.10
C LEU A 11 -3.40 1.03 0.48
N LEU A 12 -3.35 0.78 1.79
CA LEU A 12 -2.10 0.50 2.47
C LEU A 12 -1.34 -0.62 1.76
N ALA A 13 -2.07 -1.62 1.31
CA ALA A 13 -1.47 -2.75 0.61
C ALA A 13 -1.27 -2.45 -0.87
N ASP A 14 -2.22 -1.74 -1.46
CA ASP A 14 -2.16 -1.38 -2.87
C ASP A 14 -0.87 -0.60 -3.17
N ILE A 15 -0.58 0.39 -2.33
CA ILE A 15 0.62 1.20 -2.51
C ILE A 15 1.88 0.38 -2.25
N ARG A 16 1.79 -0.57 -1.33
CA ARG A 16 2.92 -1.43 -1.00
C ARG A 16 3.53 -2.04 -2.25
N LYS A 17 2.67 -2.37 -3.22
CA LYS A 17 3.13 -2.97 -4.46
C LYS A 17 4.12 -2.06 -5.18
N GLY A 18 3.91 -0.75 -5.05
CA GLY A 18 4.80 0.21 -5.68
C GLY A 18 6.00 0.55 -4.82
N PHE A 19 5.84 0.41 -3.51
CA PHE A 19 6.92 0.70 -2.57
C PHE A 19 8.22 0.04 -3.00
N GLN A 20 8.11 -1.16 -3.57
CA GLN A 20 9.27 -1.91 -4.03
C GLN A 20 10.14 -1.05 -4.93
N LEU A 21 9.50 -0.26 -5.79
CA LEU A 21 10.21 0.61 -6.72
C LEU A 21 10.06 2.07 -6.32
N ARG A 22 10.02 2.32 -5.02
CA ARG A 22 9.87 3.68 -4.51
C ARG A 22 11.12 4.12 -3.75
N LYS A 23 11.81 5.13 -4.28
CA LYS A 23 13.01 5.64 -3.65
C LYS A 23 12.71 6.29 -2.31
N THR A 24 13.74 6.45 -1.48
CA THR A 24 13.57 7.06 -0.18
C THR A 24 13.29 8.55 -0.29
N ALA A 25 12.32 9.04 0.49
CA ALA A 25 11.95 10.44 0.48
C ALA A 25 12.72 11.22 1.55
N ARG A 26 13.44 12.25 1.12
CA ARG A 26 14.21 13.08 2.03
C ARG A 26 13.32 13.64 3.15
N GLN A 2 -8.55 -16.12 1.37
CA GLN A 2 -8.21 -14.85 2.01
C GLN A 2 -9.45 -14.17 2.58
N GLU A 3 -9.31 -13.58 3.77
CA GLU A 3 -10.42 -12.90 4.41
C GLU A 3 -10.61 -11.50 3.84
N GLU A 4 -11.76 -10.90 4.11
CA GLU A 4 -12.06 -9.57 3.62
C GLU A 4 -11.58 -8.50 4.60
N VAL A 5 -10.80 -7.55 4.10
CA VAL A 5 -10.27 -6.48 4.93
C VAL A 5 -11.11 -5.21 4.79
N SER A 6 -10.67 -4.14 5.45
CA SER A 6 -11.38 -2.87 5.41
C SER A 6 -10.71 -1.90 4.44
N VAL A 7 -11.37 -0.78 4.18
CA VAL A 7 -10.83 0.23 3.28
C VAL A 7 -9.53 0.80 3.79
N ILE A 8 -9.42 0.93 5.12
CA ILE A 8 -8.21 1.46 5.74
C ILE A 8 -6.99 0.63 5.37
N ASP A 9 -7.18 -0.68 5.28
CA ASP A 9 -6.09 -1.58 4.93
C ASP A 9 -5.76 -1.49 3.44
N ALA A 10 -6.79 -1.29 2.63
CA ALA A 10 -6.61 -1.17 1.18
C ALA A 10 -5.59 -0.10 0.84
N LEU A 11 -5.59 0.98 1.63
CA LEU A 11 -4.66 2.08 1.41
C LEU A 11 -3.22 1.61 1.49
N LEU A 12 -2.92 0.78 2.49
CA LEU A 12 -1.58 0.25 2.68
C LEU A 12 -1.07 -0.40 1.40
N ALA A 13 -1.96 -1.11 0.71
CA ALA A 13 -1.61 -1.79 -0.54
C ALA A 13 -1.58 -0.81 -1.70
N ASP A 14 -2.50 0.15 -1.68
CA ASP A 14 -2.58 1.15 -2.73
C ASP A 14 -1.33 2.01 -2.78
N ILE A 15 -0.75 2.27 -1.62
CA ILE A 15 0.46 3.08 -1.53
C ILE A 15 1.71 2.22 -1.59
N ARG A 16 1.60 0.99 -1.07
CA ARG A 16 2.71 0.06 -1.07
C ARG A 16 3.33 -0.06 -2.46
N LYS A 17 2.47 -0.05 -3.49
CA LYS A 17 2.92 -0.15 -4.87
C LYS A 17 3.70 1.10 -5.28
N GLY A 18 3.29 2.24 -4.76
CA GLY A 18 3.97 3.49 -5.08
C GLY A 18 5.29 3.64 -4.36
N PHE A 19 5.40 3.01 -3.19
CA PHE A 19 6.62 3.09 -2.39
C PHE A 19 7.83 2.78 -3.25
N GLN A 20 7.67 1.90 -4.22
CA GLN A 20 8.76 1.52 -5.12
C GLN A 20 9.44 2.75 -5.69
N LEU A 21 8.66 3.80 -5.95
CA LEU A 21 9.19 5.03 -6.50
C LEU A 21 9.25 6.13 -5.44
N ARG A 22 8.25 6.16 -4.58
CA ARG A 22 8.19 7.16 -3.51
C ARG A 22 9.35 6.98 -2.55
N LYS A 23 9.44 5.80 -1.93
CA LYS A 23 10.51 5.51 -0.98
C LYS A 23 11.84 5.30 -1.71
N THR A 24 12.76 6.23 -1.53
CA THR A 24 14.07 6.15 -2.16
C THR A 24 14.75 4.83 -1.83
N ALA A 25 15.15 4.68 -0.56
CA ALA A 25 15.81 3.46 -0.11
C ALA A 25 14.96 2.24 -0.37
N ARG A 26 15.38 1.40 -1.30
CA ARG A 26 14.64 0.18 -1.64
C ARG A 26 15.53 -1.04 -1.57
N GLN A 2 -9.97 -16.26 3.30
CA GLN A 2 -9.99 -14.85 2.92
C GLN A 2 -10.77 -14.02 3.94
N GLU A 3 -10.05 -13.23 4.73
CA GLU A 3 -10.68 -12.39 5.74
C GLU A 3 -11.27 -11.12 5.11
N GLU A 4 -12.11 -10.43 5.87
CA GLU A 4 -12.74 -9.20 5.38
C GLU A 4 -11.75 -8.04 5.43
N VAL A 5 -11.66 -7.31 4.32
CA VAL A 5 -10.76 -6.17 4.23
C VAL A 5 -11.54 -4.86 4.11
N SER A 6 -11.12 -3.86 4.86
CA SER A 6 -11.78 -2.55 4.84
C SER A 6 -10.98 -1.56 4.01
N VAL A 7 -11.54 -0.36 3.83
CA VAL A 7 -10.88 0.69 3.06
C VAL A 7 -9.49 0.98 3.62
N ILE A 8 -9.35 0.91 4.93
CA ILE A 8 -8.08 1.16 5.58
C ILE A 8 -7.00 0.21 5.07
N ASP A 9 -7.39 -1.04 4.82
CA ASP A 9 -6.46 -2.04 4.32
C ASP A 9 -6.19 -1.85 2.84
N ALA A 10 -7.25 -1.55 2.08
CA ALA A 10 -7.13 -1.35 0.65
C ALA A 10 -6.24 -0.14 0.34
N LEU A 11 -6.33 0.89 1.17
CA LEU A 11 -5.54 2.10 0.99
C LEU A 11 -4.08 1.85 1.32
N LEU A 12 -3.84 1.19 2.46
CA LEU A 12 -2.48 0.89 2.88
C LEU A 12 -1.78 -0.03 1.88
N ALA A 13 -2.53 -0.99 1.34
CA ALA A 13 -1.99 -1.93 0.37
C ALA A 13 -1.60 -1.22 -0.91
N ASP A 14 -2.39 -0.24 -1.31
CA ASP A 14 -2.13 0.53 -2.52
C ASP A 14 -0.72 1.13 -2.50
N ILE A 15 -0.52 2.07 -1.57
CA ILE A 15 0.78 2.73 -1.44
C ILE A 15 1.89 1.71 -1.27
N ARG A 16 1.63 0.66 -0.50
CA ARG A 16 2.61 -0.39 -0.26
C ARG A 16 3.18 -0.91 -1.57
N LYS A 17 2.33 -0.97 -2.60
CA LYS A 17 2.76 -1.45 -3.92
C LYS A 17 3.52 -0.37 -4.67
N GLY A 18 3.11 0.88 -4.48
CA GLY A 18 3.76 1.99 -5.15
C GLY A 18 4.97 2.49 -4.39
N PHE A 19 5.34 1.78 -3.34
CA PHE A 19 6.48 2.17 -2.52
C PHE A 19 7.77 2.19 -3.34
N GLN A 20 7.90 1.23 -4.24
CA GLN A 20 9.07 1.13 -5.09
C GLN A 20 9.32 2.45 -5.84
N LEU A 21 8.24 3.05 -6.32
CA LEU A 21 8.33 4.31 -7.05
C LEU A 21 7.89 5.47 -6.17
N ARG A 22 8.23 5.40 -4.88
CA ARG A 22 7.87 6.46 -3.94
C ARG A 22 9.10 7.23 -3.50
N LYS A 23 10.03 6.55 -2.82
CA LYS A 23 11.25 7.17 -2.35
C LYS A 23 12.13 7.62 -3.52
N THR A 24 12.64 8.84 -3.43
CA THR A 24 13.50 9.37 -4.48
C THR A 24 14.88 9.73 -3.94
N ALA A 25 15.40 8.88 -3.06
CA ALA A 25 16.71 9.09 -2.47
C ALA A 25 17.76 8.16 -3.08
N ARG A 26 18.44 8.65 -4.11
CA ARG A 26 19.46 7.86 -4.79
C ARG A 26 20.23 8.71 -5.79
N GLN A 2 -9.14 -15.44 7.79
CA GLN A 2 -9.62 -14.54 6.76
C GLN A 2 -10.44 -13.40 7.36
N GLU A 3 -9.76 -12.38 7.84
CA GLU A 3 -10.42 -11.23 8.45
C GLU A 3 -10.92 -10.27 7.38
N GLU A 4 -11.97 -9.52 7.71
CA GLU A 4 -12.54 -8.55 6.77
C GLU A 4 -11.64 -7.33 6.62
N VAL A 5 -11.35 -6.97 5.37
CA VAL A 5 -10.49 -5.82 5.10
C VAL A 5 -11.30 -4.67 4.51
N SER A 6 -11.06 -3.46 5.02
CA SER A 6 -11.76 -2.28 4.55
C SER A 6 -10.94 -1.55 3.49
N VAL A 7 -11.51 -0.47 2.95
CA VAL A 7 -10.84 0.32 1.93
C VAL A 7 -9.47 0.79 2.41
N ILE A 8 -9.40 1.16 3.69
CA ILE A 8 -8.15 1.63 4.27
C ILE A 8 -7.02 0.64 4.02
N ASP A 9 -7.35 -0.64 4.05
CA ASP A 9 -6.37 -1.70 3.82
C ASP A 9 -5.90 -1.69 2.37
N ALA A 10 -6.82 -1.42 1.45
CA ALA A 10 -6.50 -1.39 0.03
C ALA A 10 -5.38 -0.40 -0.26
N LEU A 11 -5.46 0.77 0.36
CA LEU A 11 -4.46 1.81 0.17
C LEU A 11 -3.08 1.33 0.60
N LEU A 12 -3.03 0.66 1.75
CA LEU A 12 -1.77 0.14 2.27
C LEU A 12 -1.11 -0.80 1.27
N ALA A 13 -1.92 -1.56 0.54
CA ALA A 13 -1.42 -2.49 -0.45
C ALA A 13 -1.11 -1.78 -1.77
N ASP A 14 -1.93 -0.79 -2.09
CA ASP A 14 -1.74 -0.03 -3.32
C ASP A 14 -0.39 0.68 -3.33
N ILE A 15 -0.10 1.41 -2.26
CA ILE A 15 1.16 2.14 -2.15
C ILE A 15 2.34 1.20 -2.34
N ARG A 16 2.24 0.00 -1.79
CA ARG A 16 3.31 -0.99 -1.90
C ARG A 16 3.72 -1.18 -3.36
N LYS A 17 2.75 -1.09 -4.26
CA LYS A 17 3.01 -1.25 -5.68
C LYS A 17 3.61 0.03 -6.28
N GLY A 18 3.15 1.16 -5.77
CA GLY A 18 3.64 2.44 -6.26
C GLY A 18 4.91 2.88 -5.55
N PHE A 19 5.46 1.99 -4.73
CA PHE A 19 6.69 2.30 -3.98
C PHE A 19 7.84 2.60 -4.94
N GLN A 20 7.90 1.87 -6.05
CA GLN A 20 8.96 2.05 -7.03
C GLN A 20 9.05 3.52 -7.45
N LEU A 21 7.88 4.14 -7.65
CA LEU A 21 7.83 5.54 -8.06
C LEU A 21 7.51 6.44 -6.87
N ARG A 22 8.07 6.10 -5.71
CA ARG A 22 7.85 6.89 -4.50
C ARG A 22 9.16 7.44 -3.97
N LYS A 23 9.06 8.48 -3.14
CA LYS A 23 10.25 9.10 -2.56
C LYS A 23 10.52 8.55 -1.16
N THR A 24 11.61 7.81 -1.02
CA THR A 24 11.98 7.23 0.27
C THR A 24 13.47 6.97 0.34
N ALA A 25 14.00 6.96 1.56
CA ALA A 25 15.42 6.71 1.77
C ALA A 25 15.69 5.24 2.05
N ARG A 26 16.14 4.52 1.03
CA ARG A 26 16.43 3.10 1.16
C ARG A 26 15.25 2.35 1.74
N GLN A 2 -7.67 -16.05 7.95
CA GLN A 2 -7.45 -14.79 7.25
C GLN A 2 -8.66 -13.88 7.38
N GLU A 3 -8.47 -12.72 8.00
CA GLU A 3 -9.54 -11.76 8.17
C GLU A 3 -9.78 -10.94 6.90
N GLU A 4 -10.99 -10.40 6.77
CA GLU A 4 -11.33 -9.60 5.59
C GLU A 4 -10.64 -8.24 5.64
N VAL A 5 -10.47 -7.64 4.47
CA VAL A 5 -9.83 -6.33 4.37
C VAL A 5 -10.82 -5.25 4.00
N SER A 6 -10.81 -4.15 4.74
CA SER A 6 -11.71 -3.03 4.49
C SER A 6 -11.05 -1.98 3.60
N VAL A 7 -11.81 -0.97 3.22
CA VAL A 7 -11.30 0.10 2.38
C VAL A 7 -10.11 0.80 3.03
N ILE A 8 -10.17 0.96 4.35
CA ILE A 8 -9.09 1.59 5.09
C ILE A 8 -7.78 0.83 4.93
N ASP A 9 -7.89 -0.49 4.88
CA ASP A 9 -6.72 -1.35 4.73
C ASP A 9 -6.27 -1.41 3.27
N ALA A 10 -7.24 -1.59 2.38
CA ALA A 10 -6.94 -1.68 0.95
C ALA A 10 -6.32 -0.39 0.44
N LEU A 11 -6.96 0.74 0.74
CA LEU A 11 -6.46 2.04 0.31
C LEU A 11 -5.02 2.24 0.76
N LEU A 12 -4.70 1.77 1.96
CA LEU A 12 -3.35 1.90 2.49
C LEU A 12 -2.34 1.13 1.65
N ALA A 13 -2.59 -0.17 1.47
CA ALA A 13 -1.71 -1.01 0.68
C ALA A 13 -1.49 -0.42 -0.70
N ASP A 14 -2.45 0.36 -1.17
CA ASP A 14 -2.37 0.98 -2.49
C ASP A 14 -1.05 1.73 -2.64
N ILE A 15 -0.52 2.24 -1.53
CA ILE A 15 0.73 2.99 -1.54
C ILE A 15 1.81 2.22 -2.31
N ARG A 16 1.75 0.90 -2.23
CA ARG A 16 2.73 0.05 -2.91
C ARG A 16 2.85 0.45 -4.38
N LYS A 17 1.72 0.82 -4.98
CA LYS A 17 1.70 1.22 -6.38
C LYS A 17 2.60 2.42 -6.62
N GLY A 18 2.65 3.32 -5.64
CA GLY A 18 3.49 4.50 -5.77
C GLY A 18 4.93 4.24 -5.39
N PHE A 19 5.14 3.26 -4.52
CA PHE A 19 6.49 2.91 -4.08
C PHE A 19 7.44 2.74 -5.27
N GLN A 20 6.90 2.22 -6.37
CA GLN A 20 7.68 2.01 -7.58
C GLN A 20 8.43 3.28 -7.97
N LEU A 21 7.80 4.42 -7.75
CA LEU A 21 8.40 5.72 -8.08
C LEU A 21 8.94 6.40 -6.83
N ARG A 22 8.29 6.15 -5.69
CA ARG A 22 8.71 6.73 -4.43
C ARG A 22 10.12 6.28 -4.05
N LYS A 23 10.88 7.18 -3.43
CA LYS A 23 12.24 6.88 -3.02
C LYS A 23 12.25 6.02 -1.76
N THR A 24 13.07 4.98 -1.76
CA THR A 24 13.18 4.08 -0.63
C THR A 24 14.60 4.05 -0.07
N ALA A 25 14.78 4.63 1.11
CA ALA A 25 16.09 4.66 1.75
C ALA A 25 16.02 4.16 3.18
N ARG A 26 17.00 3.35 3.58
CA ARG A 26 17.03 2.81 4.92
C ARG A 26 17.61 3.82 5.91
N GLN A 2 -10.46 -14.62 1.46
CA GLN A 2 -11.84 -15.09 1.45
C GLN A 2 -12.74 -14.12 2.20
N GLU A 3 -12.50 -13.97 3.50
CA GLU A 3 -13.30 -13.08 4.33
C GLU A 3 -13.17 -11.64 3.84
N GLU A 4 -14.30 -10.93 3.82
CA GLU A 4 -14.32 -9.53 3.39
C GLU A 4 -13.71 -8.62 4.44
N VAL A 5 -12.78 -7.77 4.02
CA VAL A 5 -12.13 -6.84 4.93
C VAL A 5 -12.57 -5.40 4.67
N SER A 6 -12.03 -4.47 5.44
CA SER A 6 -12.38 -3.06 5.29
C SER A 6 -11.45 -2.38 4.28
N VAL A 7 -12.06 -1.70 3.31
CA VAL A 7 -11.30 -1.00 2.28
C VAL A 7 -10.28 -0.05 2.89
N ILE A 8 -10.66 0.58 4.00
CA ILE A 8 -9.78 1.52 4.68
C ILE A 8 -8.50 0.82 5.14
N ASP A 9 -8.63 -0.43 5.56
CA ASP A 9 -7.47 -1.20 6.02
C ASP A 9 -6.56 -1.57 4.86
N ALA A 10 -7.16 -1.89 3.71
CA ALA A 10 -6.41 -2.26 2.53
C ALA A 10 -5.43 -1.14 2.12
N LEU A 11 -5.88 0.10 2.29
CA LEU A 11 -5.05 1.25 1.95
C LEU A 11 -3.84 1.35 2.86
N LEU A 12 -4.04 1.04 4.13
CA LEU A 12 -2.96 1.08 5.11
C LEU A 12 -1.79 0.19 4.68
N ALA A 13 -2.12 -0.94 4.07
CA ALA A 13 -1.10 -1.87 3.60
C ALA A 13 -0.64 -1.52 2.19
N ASP A 14 -1.52 -0.87 1.44
CA ASP A 14 -1.19 -0.48 0.06
C ASP A 14 0.13 0.29 0.01
N ILE A 15 0.38 1.09 1.04
CA ILE A 15 1.60 1.88 1.10
C ILE A 15 2.83 1.01 0.87
N ARG A 16 2.73 -0.26 1.26
CA ARG A 16 3.84 -1.19 1.09
C ARG A 16 4.39 -1.12 -0.34
N LYS A 17 3.52 -0.86 -1.30
CA LYS A 17 3.91 -0.76 -2.70
C LYS A 17 4.32 0.66 -3.05
N GLY A 18 3.65 1.63 -2.43
CA GLY A 18 3.95 3.03 -2.68
C GLY A 18 5.43 3.35 -2.52
N PHE A 19 5.94 3.12 -1.31
CA PHE A 19 7.35 3.39 -1.02
C PHE A 19 8.25 2.73 -2.06
N GLN A 20 7.97 1.47 -2.37
CA GLN A 20 8.76 0.73 -3.34
C GLN A 20 8.87 1.49 -4.65
N LEU A 21 7.73 1.97 -5.14
CA LEU A 21 7.69 2.72 -6.39
C LEU A 21 8.39 4.07 -6.24
N ARG A 22 8.19 4.70 -5.09
CA ARG A 22 8.81 5.99 -4.82
C ARG A 22 10.33 5.88 -4.79
N LYS A 23 11.00 6.82 -5.45
CA LYS A 23 12.46 6.83 -5.50
C LYS A 23 13.04 7.75 -4.42
N THR A 24 13.81 7.17 -3.51
CA THR A 24 14.43 7.93 -2.44
C THR A 24 15.24 9.10 -2.99
N ALA A 25 15.32 10.18 -2.22
CA ALA A 25 16.07 11.36 -2.63
C ALA A 25 17.58 11.13 -2.49
N ARG A 26 18.27 11.09 -3.62
CA ARG A 26 19.71 10.88 -3.62
C ARG A 26 20.43 11.98 -2.84
N GLN A 2 -10.07 -17.25 5.44
CA GLN A 2 -9.78 -16.04 4.68
C GLN A 2 -10.12 -14.80 5.51
N GLU A 3 -9.13 -13.94 5.71
CA GLU A 3 -9.32 -12.72 6.49
C GLU A 3 -10.04 -11.66 5.66
N GLU A 4 -11.09 -11.08 6.24
CA GLU A 4 -11.87 -10.06 5.55
C GLU A 4 -11.08 -8.76 5.44
N VAL A 5 -11.32 -8.01 4.36
CA VAL A 5 -10.63 -6.75 4.14
C VAL A 5 -11.60 -5.57 4.22
N SER A 6 -11.23 -4.56 5.00
CA SER A 6 -12.07 -3.38 5.17
C SER A 6 -11.57 -2.23 4.29
N VAL A 7 -12.35 -1.17 4.21
CA VAL A 7 -12.00 -0.01 3.42
C VAL A 7 -10.63 0.54 3.82
N ILE A 8 -10.35 0.49 5.12
CA ILE A 8 -9.08 0.99 5.63
C ILE A 8 -7.91 0.19 5.08
N ASP A 9 -8.13 -1.11 4.91
CA ASP A 9 -7.09 -2.00 4.37
C ASP A 9 -6.92 -1.80 2.87
N ALA A 10 -8.04 -1.66 2.17
CA ALA A 10 -8.02 -1.46 0.73
C ALA A 10 -7.21 -0.22 0.36
N LEU A 11 -7.37 0.85 1.13
CA LEU A 11 -6.66 2.10 0.88
C LEU A 11 -5.18 1.95 1.24
N LEU A 12 -4.92 1.48 2.45
CA LEU A 12 -3.54 1.29 2.91
C LEU A 12 -2.75 0.43 1.94
N ALA A 13 -3.39 -0.61 1.41
CA ALA A 13 -2.74 -1.50 0.45
C ALA A 13 -2.56 -0.81 -0.90
N ASP A 14 -3.53 -0.01 -1.28
CA ASP A 14 -3.47 0.71 -2.55
C ASP A 14 -2.22 1.57 -2.64
N ILE A 15 -1.98 2.37 -1.60
CA ILE A 15 -0.82 3.24 -1.56
C ILE A 15 0.46 2.44 -1.39
N ARG A 16 0.35 1.28 -0.73
CA ARG A 16 1.50 0.42 -0.51
C ARG A 16 2.25 0.14 -1.81
N LYS A 17 1.48 -0.01 -2.90
CA LYS A 17 2.06 -0.28 -4.21
C LYS A 17 2.95 0.87 -4.65
N GLY A 18 2.53 2.09 -4.36
CA GLY A 18 3.30 3.27 -4.73
C GLY A 18 4.73 3.19 -4.25
N PHE A 19 4.92 2.65 -3.04
CA PHE A 19 6.25 2.53 -2.46
C PHE A 19 7.19 1.76 -3.38
N GLN A 20 6.65 0.70 -4.00
CA GLN A 20 7.44 -0.12 -4.91
C GLN A 20 8.05 0.72 -6.02
N LEU A 21 7.28 1.69 -6.51
CA LEU A 21 7.75 2.57 -7.58
C LEU A 21 8.13 3.94 -7.03
N ARG A 22 8.81 3.95 -5.90
CA ARG A 22 9.23 5.21 -5.27
C ARG A 22 10.70 5.48 -5.54
N LYS A 23 11.00 6.70 -5.99
CA LYS A 23 12.37 7.10 -6.29
C LYS A 23 13.26 6.92 -5.07
N THR A 24 14.29 6.09 -5.22
CA THR A 24 15.23 5.83 -4.14
C THR A 24 16.23 6.97 -3.99
N ALA A 25 16.72 7.18 -2.76
CA ALA A 25 17.69 8.23 -2.50
C ALA A 25 18.81 7.72 -1.60
N ARG A 26 19.94 7.36 -2.21
CA ARG A 26 21.09 6.87 -1.45
C ARG A 26 20.71 5.62 -0.65
N GLN A 2 -8.25 -15.74 6.57
CA GLN A 2 -8.83 -14.93 5.49
C GLN A 2 -9.86 -13.96 6.05
N GLU A 3 -9.39 -12.94 6.75
CA GLU A 3 -10.28 -11.94 7.34
C GLU A 3 -10.71 -10.92 6.29
N GLU A 4 -11.92 -10.39 6.45
CA GLU A 4 -12.46 -9.40 5.52
C GLU A 4 -11.60 -8.15 5.51
N VAL A 5 -11.55 -7.47 4.36
CA VAL A 5 -10.77 -6.25 4.21
C VAL A 5 -11.67 -5.03 4.12
N SER A 6 -11.33 -3.99 4.88
CA SER A 6 -12.11 -2.76 4.88
C SER A 6 -11.56 -1.77 3.86
N VAL A 7 -12.25 -0.64 3.71
CA VAL A 7 -11.83 0.39 2.78
C VAL A 7 -10.46 0.94 3.13
N ILE A 8 -10.19 1.05 4.43
CA ILE A 8 -8.89 1.55 4.89
C ILE A 8 -7.76 0.61 4.50
N ASP A 9 -8.05 -0.68 4.52
CA ASP A 9 -7.05 -1.69 4.15
C ASP A 9 -6.80 -1.70 2.65
N ALA A 10 -7.88 -1.56 1.88
CA ALA A 10 -7.79 -1.55 0.42
C ALA A 10 -6.93 -0.39 -0.06
N LEU A 11 -7.11 0.78 0.54
CA LEU A 11 -6.36 1.95 0.17
C LEU A 11 -4.89 1.82 0.59
N LEU A 12 -4.68 1.28 1.78
CA LEU A 12 -3.32 1.10 2.30
C LEU A 12 -2.53 0.14 1.42
N ALA A 13 -3.20 -0.91 0.95
CA ALA A 13 -2.56 -1.91 0.10
C ALA A 13 -2.17 -1.31 -1.25
N ASP A 14 -3.03 -0.43 -1.76
CA ASP A 14 -2.77 0.22 -3.04
C ASP A 14 -1.50 1.07 -2.99
N ILE A 15 -1.50 2.07 -2.11
CA ILE A 15 -0.35 2.94 -1.97
C ILE A 15 0.92 2.14 -1.69
N ARG A 16 0.76 0.99 -1.06
CA ARG A 16 1.89 0.12 -0.74
C ARG A 16 2.74 -0.15 -1.99
N LYS A 17 2.08 -0.28 -3.13
CA LYS A 17 2.76 -0.54 -4.39
C LYS A 17 3.67 0.62 -4.76
N GLY A 18 3.23 1.84 -4.45
CA GLY A 18 4.02 3.02 -4.76
C GLY A 18 5.40 2.96 -4.16
N PHE A 19 5.50 2.45 -2.94
CA PHE A 19 6.78 2.34 -2.24
C PHE A 19 7.81 1.63 -3.12
N GLN A 20 7.37 0.59 -3.82
CA GLN A 20 8.25 -0.17 -4.69
C GLN A 20 8.98 0.76 -5.67
N LEU A 21 8.29 1.77 -6.15
CA LEU A 21 8.87 2.73 -7.08
C LEU A 21 9.12 4.08 -6.40
N ARG A 22 9.61 4.02 -5.16
CA ARG A 22 9.89 5.24 -4.41
C ARG A 22 11.38 5.59 -4.49
N LYS A 23 11.76 6.28 -5.56
CA LYS A 23 13.15 6.68 -5.76
C LYS A 23 13.44 7.99 -5.04
N THR A 24 14.34 7.94 -4.07
CA THR A 24 14.72 9.12 -3.30
C THR A 24 16.24 9.24 -3.19
N ALA A 25 16.71 10.48 -3.02
CA ALA A 25 18.14 10.74 -2.90
C ALA A 25 18.57 10.80 -1.44
N ARG A 26 18.85 9.65 -0.86
CA ARG A 26 19.27 9.58 0.54
C ARG A 26 20.68 10.14 0.72
N GLN A 2 -6.81 -16.55 3.46
CA GLN A 2 -7.73 -15.53 3.00
C GLN A 2 -8.04 -14.53 4.11
N GLU A 3 -7.06 -13.70 4.44
CA GLU A 3 -7.22 -12.69 5.48
C GLU A 3 -8.23 -11.63 5.06
N GLU A 4 -9.06 -11.19 6.01
CA GLU A 4 -10.07 -10.18 5.73
C GLU A 4 -9.49 -8.78 5.91
N VAL A 5 -9.56 -7.99 4.84
CA VAL A 5 -9.04 -6.63 4.86
C VAL A 5 -10.17 -5.61 4.79
N SER A 6 -10.10 -4.59 5.63
CA SER A 6 -11.13 -3.55 5.66
C SER A 6 -10.74 -2.37 4.76
N VAL A 7 -11.63 -1.39 4.66
CA VAL A 7 -11.38 -0.22 3.85
C VAL A 7 -10.03 0.41 4.18
N ILE A 8 -9.66 0.38 5.45
CA ILE A 8 -8.40 0.94 5.90
C ILE A 8 -7.24 0.40 5.08
N ASP A 9 -7.34 -0.87 4.69
CA ASP A 9 -6.29 -1.51 3.90
C ASP A 9 -6.47 -1.19 2.41
N ALA A 10 -7.71 -1.13 1.98
CA ALA A 10 -8.02 -0.83 0.58
C ALA A 10 -7.37 0.47 0.14
N LEU A 11 -7.51 1.50 0.95
CA LEU A 11 -6.94 2.81 0.64
C LEU A 11 -5.41 2.79 0.81
N LEU A 12 -4.96 2.17 1.90
CA LEU A 12 -3.53 2.08 2.18
C LEU A 12 -2.80 1.38 1.04
N ALA A 13 -3.45 0.38 0.44
CA ALA A 13 -2.86 -0.36 -0.66
C ALA A 13 -2.70 0.51 -1.89
N ASP A 14 -3.71 1.33 -2.17
CA ASP A 14 -3.68 2.22 -3.33
C ASP A 14 -2.44 3.10 -3.30
N ILE A 15 -2.30 3.88 -2.23
CA ILE A 15 -1.16 4.77 -2.07
C ILE A 15 0.15 3.99 -2.03
N ARG A 16 0.07 2.75 -1.54
CA ARG A 16 1.24 1.90 -1.44
C ARG A 16 1.98 1.82 -2.78
N LYS A 17 1.22 1.87 -3.87
CA LYS A 17 1.80 1.81 -5.20
C LYS A 17 2.79 2.95 -5.43
N GLY A 18 2.51 4.10 -4.81
CA GLY A 18 3.38 5.25 -4.95
C GLY A 18 4.74 5.02 -4.31
N PHE A 19 4.76 4.26 -3.23
CA PHE A 19 6.01 3.97 -2.52
C PHE A 19 6.85 2.98 -3.32
N GLN A 20 6.27 1.84 -3.65
CA GLN A 20 6.98 0.82 -4.42
C GLN A 20 7.55 1.39 -5.71
N LEU A 21 6.83 2.32 -6.31
CA LEU A 21 7.27 2.94 -7.55
C LEU A 21 8.31 4.02 -7.28
N ARG A 22 8.15 4.72 -6.16
CA ARG A 22 9.08 5.77 -5.78
C ARG A 22 10.48 5.21 -5.54
N LYS A 23 11.44 6.10 -5.32
CA LYS A 23 12.82 5.69 -5.07
C LYS A 23 12.98 5.14 -3.66
N THR A 24 13.75 4.05 -3.54
CA THR A 24 13.98 3.43 -2.25
C THR A 24 14.76 4.36 -1.32
N ALA A 25 14.23 4.58 -0.12
CA ALA A 25 14.88 5.45 0.85
C ALA A 25 15.07 4.72 2.19
N ARG A 26 16.32 4.50 2.56
CA ARG A 26 16.64 3.81 3.80
C ARG A 26 17.17 4.79 4.84
N GLN A 2 -13.00 -14.08 2.36
CA GLN A 2 -14.40 -14.10 2.78
C GLN A 2 -14.74 -12.83 3.56
N GLU A 3 -14.21 -12.72 4.77
CA GLU A 3 -14.47 -11.56 5.61
C GLU A 3 -13.97 -10.29 4.95
N GLU A 4 -14.77 -9.23 5.04
CA GLU A 4 -14.41 -7.94 4.45
C GLU A 4 -13.59 -7.10 5.42
N VAL A 5 -12.61 -6.38 4.89
CA VAL A 5 -11.75 -5.53 5.70
C VAL A 5 -11.98 -4.06 5.39
N SER A 6 -11.23 -3.19 6.07
CA SER A 6 -11.35 -1.75 5.87
C SER A 6 -10.59 -1.32 4.63
N VAL A 7 -11.27 -0.57 3.76
CA VAL A 7 -10.66 -0.08 2.52
C VAL A 7 -9.34 0.63 2.81
N ILE A 8 -9.29 1.36 3.92
CA ILE A 8 -8.09 2.09 4.30
C ILE A 8 -6.91 1.14 4.48
N ASP A 9 -7.18 -0.06 4.98
CA ASP A 9 -6.15 -1.06 5.20
C ASP A 9 -5.65 -1.60 3.87
N ALA A 10 -6.57 -1.90 2.96
CA ALA A 10 -6.22 -2.43 1.66
C ALA A 10 -5.23 -1.51 0.93
N LEU A 11 -5.42 -0.20 1.10
CA LEU A 11 -4.56 0.78 0.46
C LEU A 11 -3.10 0.58 0.88
N LEU A 12 -2.90 0.34 2.17
CA LEU A 12 -1.55 0.13 2.70
C LEU A 12 -0.88 -1.05 2.00
N ALA A 13 -1.63 -2.11 1.78
CA ALA A 13 -1.12 -3.31 1.13
C ALA A 13 -0.75 -3.01 -0.33
N ASP A 14 -1.60 -2.25 -1.01
CA ASP A 14 -1.37 -1.90 -2.40
C ASP A 14 -0.15 -0.99 -2.53
N ILE A 15 -0.16 0.11 -1.78
CA ILE A 15 0.94 1.07 -1.82
C ILE A 15 2.26 0.40 -1.44
N ARG A 16 2.18 -0.64 -0.63
CA ARG A 16 3.36 -1.36 -0.19
C ARG A 16 4.22 -1.79 -1.38
N LYS A 17 3.55 -2.22 -2.46
CA LYS A 17 4.25 -2.65 -3.66
C LYS A 17 4.92 -1.47 -4.36
N GLY A 18 4.26 -0.31 -4.32
CA GLY A 18 4.80 0.87 -4.96
C GLY A 18 6.07 1.35 -4.27
N PHE A 19 6.14 1.18 -2.96
CA PHE A 19 7.30 1.60 -2.19
C PHE A 19 8.59 1.04 -2.79
N GLN A 20 8.51 -0.18 -3.31
CA GLN A 20 9.68 -0.83 -3.91
C GLN A 20 10.29 0.07 -4.98
N LEU A 21 9.45 0.63 -5.84
CA LEU A 21 9.91 1.51 -6.91
C LEU A 21 9.53 2.95 -6.63
N ARG A 22 9.59 3.34 -5.36
CA ARG A 22 9.25 4.70 -4.96
C ARG A 22 10.50 5.49 -4.60
N LYS A 23 10.55 6.75 -5.01
CA LYS A 23 11.69 7.60 -4.72
C LYS A 23 11.44 8.47 -3.49
N THR A 24 12.18 8.20 -2.43
CA THR A 24 12.03 8.95 -1.18
C THR A 24 13.33 9.66 -0.81
N ALA A 25 14.40 8.90 -0.70
CA ALA A 25 15.71 9.46 -0.35
C ALA A 25 16.53 9.75 -1.59
N ARG A 26 17.55 10.59 -1.44
CA ARG A 26 18.42 10.96 -2.55
C ARG A 26 19.88 10.78 -2.19
N GLN A 2 -8.70 -16.76 1.10
CA GLN A 2 -9.05 -15.50 0.45
C GLN A 2 -10.12 -14.76 1.25
N GLU A 3 -9.70 -14.10 2.33
CA GLU A 3 -10.63 -13.36 3.17
C GLU A 3 -11.04 -12.04 2.50
N GLU A 4 -12.12 -11.44 3.00
CA GLU A 4 -12.61 -10.19 2.45
C GLU A 4 -11.91 -9.00 3.09
N VAL A 5 -11.50 -8.04 2.25
CA VAL A 5 -10.81 -6.85 2.74
C VAL A 5 -11.70 -5.62 2.61
N SER A 6 -11.75 -4.82 3.68
CA SER A 6 -12.57 -3.62 3.69
C SER A 6 -11.73 -2.39 3.36
N VAL A 7 -12.39 -1.23 3.30
CA VAL A 7 -11.70 0.02 2.99
C VAL A 7 -10.57 0.27 3.98
N ILE A 8 -10.79 -0.09 5.24
CA ILE A 8 -9.79 0.11 6.28
C ILE A 8 -8.45 -0.51 5.87
N ASP A 9 -8.51 -1.64 5.18
CA ASP A 9 -7.31 -2.33 4.72
C ASP A 9 -6.79 -1.72 3.42
N ALA A 10 -7.71 -1.36 2.54
CA ALA A 10 -7.36 -0.76 1.26
C ALA A 10 -6.44 0.43 1.44
N LEU A 11 -6.70 1.23 2.47
CA LEU A 11 -5.89 2.40 2.75
C LEU A 11 -4.46 2.01 3.12
N LEU A 12 -4.33 1.00 3.98
CA LEU A 12 -3.03 0.52 4.41
C LEU A 12 -2.15 0.18 3.20
N ALA A 13 -2.71 -0.58 2.27
CA ALA A 13 -1.98 -0.97 1.07
C ALA A 13 -1.74 0.23 0.15
N ASP A 14 -2.73 1.11 0.07
CA ASP A 14 -2.62 2.30 -0.77
C ASP A 14 -1.38 3.10 -0.41
N ILE A 15 -1.06 3.15 0.88
CA ILE A 15 0.10 3.88 1.35
C ILE A 15 1.35 2.99 1.37
N ARG A 16 1.13 1.70 1.54
CA ARG A 16 2.24 0.75 1.58
C ARG A 16 3.06 0.82 0.30
N LYS A 17 2.38 0.83 -0.84
CA LYS A 17 3.04 0.90 -2.14
C LYS A 17 3.76 2.24 -2.31
N GLY A 18 3.15 3.30 -1.79
CA GLY A 18 3.74 4.62 -1.89
C GLY A 18 5.15 4.67 -1.34
N PHE A 19 5.40 3.90 -0.29
CA PHE A 19 6.72 3.86 0.34
C PHE A 19 7.73 3.17 -0.58
N GLN A 20 7.28 2.13 -1.28
CA GLN A 20 8.14 1.39 -2.18
C GLN A 20 8.81 2.32 -3.19
N LEU A 21 8.02 3.21 -3.77
CA LEU A 21 8.53 4.16 -4.76
C LEU A 21 8.91 5.48 -4.09
N ARG A 22 9.68 5.38 -3.01
CA ARG A 22 10.13 6.57 -2.28
C ARG A 22 11.55 6.95 -2.68
N LYS A 23 12.46 5.98 -2.61
CA LYS A 23 13.86 6.22 -2.97
C LYS A 23 13.98 6.78 -4.37
N THR A 24 15.11 7.40 -4.66
CA THR A 24 15.35 7.99 -5.98
C THR A 24 15.40 6.91 -7.06
N ALA A 25 15.11 7.31 -8.30
CA ALA A 25 15.12 6.38 -9.42
C ALA A 25 16.05 6.86 -10.52
N ARG A 26 17.34 6.57 -10.36
CA ARG A 26 18.34 6.96 -11.35
C ARG A 26 18.35 8.49 -11.52
#